data_7EO7
#
_entry.id   7EO7
#
_cell.length_a   63.282
_cell.length_b   82.892
_cell.length_c   64.097
_cell.angle_alpha   90.000
_cell.angle_beta   108.365
_cell.angle_gamma   90.000
#
_symmetry.space_group_name_H-M   'P 1 21 1'
#
loop_
_entity.id
_entity.type
_entity.pdbx_description
1 polymer '3C-like proteinase'
2 non-polymer 2-[(1R)-4-methyl-1-oxidanyl-pent-3-enyl]-5,8-bis(oxidanyl)naphthalene-1,4-dione
3 water water
#
_entity_poly.entity_id   1
_entity_poly.type   'polypeptide(L)'
_entity_poly.pdbx_seq_one_letter_code
;SGLKKMAQPSGCVERCVVRVCYGSTVLNGVWLGDTVTCPRHVIAPSTTVLIDYDHAYSTMRLHNFSVSHNGVFLGVVGVT
MHGSVLRIKVSQSNVHTPKHVFKTLKPGDSFNILACYEGIASGVFGVNLRTNFTIKGSFINGACGSPGYNVRNDGTVEFC
YLHQIELGSGAHVGSDFTGSVYGNFDDQPSLQVESANLMLSDNVVAFLYAALLNGCRWWLCSTRVNVDGFNEWAMANGYT
SVSSVECYSILAAKTGVSVEQLLASIQHLHEGFGGKNILGYSSLCDEFTLAEVVKQMYGVNLQ
;
_entity_poly.pdbx_strand_id   A,B
#
loop_
_chem_comp.id
_chem_comp.type
_chem_comp.name
_chem_comp.formula
FNO non-polymer 2-[(1R)-4-methyl-1-oxidanyl-pent-3-enyl]-5,8-bis(oxidanyl)naphthalene-1,4-dione 'C16 H16 O5'
#
# COMPACT_ATOMS: atom_id res chain seq x y z
N GLY A 2 9.05 3.94 12.31
CA GLY A 2 8.85 3.74 10.88
C GLY A 2 7.40 3.86 10.45
N LEU A 3 7.11 4.86 9.60
CA LEU A 3 5.76 5.14 9.13
C LEU A 3 5.64 4.74 7.66
N LYS A 4 4.83 3.72 7.41
CA LYS A 4 4.59 3.21 6.06
C LYS A 4 3.08 3.17 5.83
N LYS A 5 2.60 3.90 4.81
CA LYS A 5 1.21 3.83 4.44
C LYS A 5 0.90 2.41 3.96
N MET A 6 -0.06 1.75 4.61
CA MET A 6 -0.41 0.38 4.28
C MET A 6 -1.89 0.29 4.01
N ALA A 7 -2.30 -0.81 3.39
CA ALA A 7 -3.69 -1.20 3.24
C ALA A 7 -3.99 -2.36 4.18
N GLN A 8 -5.22 -2.42 4.67
CA GLN A 8 -5.65 -3.60 5.39
C GLN A 8 -5.81 -4.73 4.37
N PRO A 9 -5.71 -5.98 4.80
CA PRO A 9 -5.80 -7.09 3.84
C PRO A 9 -7.11 -7.10 3.06
N SER A 10 -7.03 -7.52 1.80
CA SER A 10 -8.10 -7.34 0.83
C SER A 10 -8.85 -8.63 0.46
N GLY A 11 -8.45 -9.77 1.00
CA GLY A 11 -9.02 -11.03 0.52
C GLY A 11 -10.53 -11.10 0.61
N CYS A 12 -11.09 -10.69 1.75
CA CYS A 12 -12.54 -10.78 1.92
C CYS A 12 -13.30 -9.78 1.05
N VAL A 13 -12.65 -8.71 0.59
CA VAL A 13 -13.32 -7.81 -0.35
C VAL A 13 -13.19 -8.34 -1.77
N GLU A 14 -12.08 -9.03 -2.08
CA GLU A 14 -11.85 -9.57 -3.41
C GLU A 14 -12.96 -10.52 -3.82
N ARG A 15 -13.49 -11.27 -2.85
CA ARG A 15 -14.54 -12.25 -3.11
C ARG A 15 -15.87 -11.60 -3.42
N CYS A 16 -15.99 -10.28 -3.26
CA CYS A 16 -17.23 -9.58 -3.55
C CYS A 16 -17.19 -8.78 -4.84
N VAL A 17 -16.09 -8.74 -5.56
CA VAL A 17 -16.01 -7.89 -6.74
C VAL A 17 -16.52 -8.66 -7.95
N VAL A 18 -17.41 -8.03 -8.73
CA VAL A 18 -17.97 -8.62 -9.93
C VAL A 18 -17.79 -7.68 -11.12
N ARG A 19 -17.87 -8.26 -12.31
CA ARG A 19 -17.87 -7.52 -13.55
C ARG A 19 -19.32 -7.23 -13.92
N VAL A 20 -19.63 -5.96 -14.18
CA VAL A 20 -20.99 -5.55 -14.53
C VAL A 20 -20.97 -4.91 -15.91
N CYS A 21 -21.68 -5.52 -16.85
CA CYS A 21 -21.73 -5.03 -18.22
C CYS A 21 -23.17 -4.70 -18.62
N TYR A 22 -23.35 -3.60 -19.36
CA TYR A 22 -24.65 -3.23 -19.91
C TYR A 22 -24.43 -2.73 -21.32
N GLY A 23 -25.00 -3.42 -22.31
CA GLY A 23 -24.60 -3.16 -23.67
C GLY A 23 -23.10 -3.36 -23.78
N SER A 24 -22.39 -2.34 -24.26
CA SER A 24 -20.93 -2.44 -24.35
C SER A 24 -20.22 -1.85 -23.13
N THR A 25 -20.94 -1.26 -22.19
CA THR A 25 -20.27 -0.58 -21.08
C THR A 25 -19.90 -1.57 -19.99
N VAL A 26 -18.68 -1.44 -19.47
CA VAL A 26 -18.16 -2.39 -18.48
C VAL A 26 -17.60 -1.61 -17.29
N LEU A 27 -17.98 -2.01 -16.08
CA LEU A 27 -17.33 -1.51 -14.87
C LEU A 27 -17.42 -2.59 -13.80
N ASN A 28 -17.02 -2.23 -12.57
CA ASN A 28 -17.01 -3.13 -11.43
C ASN A 28 -18.22 -2.88 -10.53
N GLY A 29 -18.66 -3.94 -9.86
CA GLY A 29 -19.65 -3.81 -8.81
C GLY A 29 -19.24 -4.66 -7.61
N VAL A 30 -20.04 -4.55 -6.55
CA VAL A 30 -19.80 -5.27 -5.29
C VAL A 30 -21.02 -6.11 -4.97
N TRP A 31 -20.79 -7.41 -4.77
CA TRP A 31 -21.82 -8.43 -4.62
C TRP A 31 -21.87 -8.86 -3.15
N LEU A 32 -22.96 -8.47 -2.47
CA LEU A 32 -23.22 -8.80 -1.07
C LEU A 32 -24.63 -9.38 -0.98
N GLY A 33 -24.75 -10.59 -0.45
CA GLY A 33 -26.04 -11.27 -0.47
C GLY A 33 -26.45 -11.52 -1.91
N ASP A 34 -27.69 -11.17 -2.24
CA ASP A 34 -28.19 -11.26 -3.62
C ASP A 34 -28.31 -9.88 -4.27
N THR A 35 -27.44 -8.95 -3.90
CA THR A 35 -27.46 -7.59 -4.43
C THR A 35 -26.08 -7.19 -4.93
N VAL A 36 -26.04 -6.63 -6.14
CA VAL A 36 -24.84 -6.02 -6.69
C VAL A 36 -25.08 -4.51 -6.73
N THR A 37 -24.18 -3.74 -6.10
CA THR A 37 -24.16 -2.29 -6.22
C THR A 37 -23.09 -1.87 -7.22
N CYS A 38 -23.41 -0.94 -8.10
CA CYS A 38 -22.42 -0.43 -9.04
C CYS A 38 -22.82 1.00 -9.41
N PRO A 39 -21.88 1.79 -9.95
CA PRO A 39 -22.26 3.12 -10.46
C PRO A 39 -23.28 3.01 -11.59
N ARG A 40 -24.23 3.94 -11.62
CA ARG A 40 -25.26 3.94 -12.65
C ARG A 40 -24.72 4.35 -14.02
N HIS A 41 -23.48 4.84 -14.07
CA HIS A 41 -22.83 5.10 -15.36
C HIS A 41 -22.90 3.89 -16.30
N VAL A 42 -23.08 2.68 -15.78
CA VAL A 42 -23.10 1.51 -16.65
C VAL A 42 -24.27 1.55 -17.66
N ILE A 43 -25.38 2.23 -17.32
CA ILE A 43 -26.52 2.31 -18.24
C ILE A 43 -26.51 3.59 -19.06
N ALA A 44 -25.43 4.37 -19.01
CA ALA A 44 -25.41 5.63 -19.75
C ALA A 44 -25.35 5.35 -21.26
N PRO A 45 -26.11 6.11 -22.06
CA PRO A 45 -25.96 6.01 -23.52
C PRO A 45 -24.60 6.50 -23.95
N SER A 46 -24.15 6.03 -25.10
CA SER A 46 -22.93 6.52 -25.71
C SER A 46 -23.22 7.85 -26.39
N THR A 47 -22.75 8.95 -25.80
CA THR A 47 -23.08 10.28 -26.30
C THR A 47 -22.14 11.32 -25.69
N THR A 48 -22.18 12.53 -26.25
CA THR A 48 -21.45 13.67 -25.72
C THR A 48 -22.28 14.52 -24.77
N VAL A 49 -23.54 14.76 -25.13
CA VAL A 49 -24.44 15.66 -24.43
C VAL A 49 -24.64 15.22 -22.97
N LEU A 50 -25.30 16.07 -22.19
CA LEU A 50 -25.65 15.70 -20.83
C LEU A 50 -26.48 14.41 -20.82
N ILE A 51 -26.14 13.53 -19.87
CA ILE A 51 -26.85 12.28 -19.67
C ILE A 51 -28.08 12.55 -18.82
N ASP A 52 -29.24 12.06 -19.26
CA ASP A 52 -30.47 12.13 -18.50
C ASP A 52 -30.70 10.74 -17.91
N TYR A 53 -30.23 10.55 -16.67
CA TYR A 53 -30.26 9.23 -16.06
C TYR A 53 -31.67 8.76 -15.77
N ASP A 54 -32.62 9.68 -15.59
CA ASP A 54 -33.99 9.26 -15.41
C ASP A 54 -34.54 8.64 -16.69
N HIS A 55 -34.19 9.20 -17.84
CA HIS A 55 -34.61 8.61 -19.11
C HIS A 55 -33.94 7.26 -19.34
N ALA A 56 -32.61 7.22 -19.22
CA ALA A 56 -31.90 5.96 -19.36
C ALA A 56 -32.49 4.88 -18.48
N TYR A 57 -32.86 5.23 -17.25
CA TYR A 57 -33.40 4.23 -16.33
C TYR A 57 -34.73 3.67 -16.82
N SER A 58 -35.61 4.53 -17.35
CA SER A 58 -36.93 4.05 -17.80
C SER A 58 -36.83 3.16 -19.03
N THR A 59 -35.86 3.41 -19.91
CA THR A 59 -35.65 2.63 -21.13
C THR A 59 -34.76 1.40 -20.90
N MET A 60 -34.35 1.16 -19.67
CA MET A 60 -33.45 0.07 -19.34
C MET A 60 -34.14 -1.30 -19.46
N ARG A 61 -33.45 -2.27 -20.05
CA ARG A 61 -33.96 -3.64 -20.19
C ARG A 61 -33.05 -4.62 -19.45
N LEU A 62 -33.66 -5.49 -18.63
CA LEU A 62 -32.89 -6.39 -17.79
C LEU A 62 -31.93 -7.25 -18.61
N HIS A 63 -32.40 -7.78 -19.74
CA HIS A 63 -31.60 -8.67 -20.56
C HIS A 63 -30.35 -8.01 -21.13
N ASN A 64 -30.25 -6.67 -21.11
CA ASN A 64 -29.03 -6.02 -21.56
C ASN A 64 -27.89 -6.10 -20.54
N PHE A 65 -28.16 -6.61 -19.34
CA PHE A 65 -27.16 -6.73 -18.28
C PHE A 65 -26.39 -8.03 -18.39
N SER A 66 -25.12 -7.97 -18.00
CA SER A 66 -24.29 -9.15 -17.79
C SER A 66 -23.42 -8.90 -16.56
N VAL A 67 -23.54 -9.79 -15.57
CA VAL A 67 -22.90 -9.69 -14.28
C VAL A 67 -22.18 -11.02 -14.04
N SER A 68 -20.87 -10.96 -13.80
CA SER A 68 -20.10 -12.18 -13.58
C SER A 68 -19.09 -12.03 -12.46
N HIS A 69 -18.77 -13.17 -11.84
CA HIS A 69 -17.75 -13.28 -10.81
C HIS A 69 -16.76 -14.38 -11.22
N ASN A 70 -15.52 -13.97 -11.52
CA ASN A 70 -14.46 -14.88 -11.97
C ASN A 70 -14.92 -15.68 -13.19
N GLY A 71 -15.60 -15.00 -14.10
CA GLY A 71 -16.13 -15.62 -15.29
C GLY A 71 -17.47 -16.32 -15.12
N VAL A 72 -17.88 -16.62 -13.89
CA VAL A 72 -19.18 -17.26 -13.64
C VAL A 72 -20.29 -16.22 -13.63
N PHE A 73 -21.28 -16.39 -14.53
CA PHE A 73 -22.31 -15.37 -14.76
C PHE A 73 -23.50 -15.55 -13.83
N LEU A 74 -24.10 -14.42 -13.46
CA LEU A 74 -25.21 -14.34 -12.52
C LEU A 74 -26.42 -13.75 -13.23
N GLY A 75 -27.60 -14.30 -12.93
CA GLY A 75 -28.81 -13.79 -13.56
C GLY A 75 -29.33 -12.55 -12.87
N VAL A 76 -29.84 -11.61 -13.66
CA VAL A 76 -30.35 -10.34 -13.14
C VAL A 76 -31.86 -10.46 -12.98
N VAL A 77 -32.34 -10.21 -11.77
CA VAL A 77 -33.77 -10.34 -11.42
C VAL A 77 -34.49 -9.01 -11.50
N GLY A 78 -33.86 -7.94 -11.03
CA GLY A 78 -34.46 -6.63 -11.03
C GLY A 78 -33.39 -5.61 -10.69
N VAL A 79 -33.72 -4.34 -10.91
CA VAL A 79 -32.76 -3.26 -10.76
C VAL A 79 -33.51 -2.04 -10.27
N THR A 80 -32.93 -1.33 -9.31
CA THR A 80 -33.43 -0.04 -8.84
C THR A 80 -32.27 0.95 -8.75
N MET A 81 -32.58 2.23 -8.96
CA MET A 81 -31.61 3.31 -8.97
C MET A 81 -31.72 4.13 -7.67
N HIS A 82 -30.57 4.45 -7.08
CA HIS A 82 -30.49 5.16 -5.80
C HIS A 82 -29.33 6.17 -5.92
N GLY A 83 -29.66 7.43 -6.11
CA GLY A 83 -28.65 8.43 -6.41
C GLY A 83 -27.83 8.05 -7.62
N SER A 84 -26.51 7.91 -7.43
CA SER A 84 -25.57 7.63 -8.51
C SER A 84 -25.19 6.15 -8.60
N VAL A 85 -25.88 5.26 -7.88
CA VAL A 85 -25.62 3.84 -7.98
C VAL A 85 -26.90 3.10 -8.38
N LEU A 86 -26.71 1.90 -8.92
CA LEU A 86 -27.77 0.93 -9.13
C LEU A 86 -27.65 -0.20 -8.11
N ARG A 87 -28.80 -0.74 -7.71
CA ARG A 87 -28.87 -1.94 -6.87
C ARG A 87 -29.46 -3.06 -7.72
N ILE A 88 -28.61 -3.98 -8.16
CA ILE A 88 -28.98 -5.07 -9.06
C ILE A 88 -29.25 -6.31 -8.23
N LYS A 89 -30.48 -6.82 -8.26
CA LYS A 89 -30.81 -8.09 -7.63
C LYS A 89 -30.48 -9.23 -8.57
N VAL A 90 -29.78 -10.23 -8.05
CA VAL A 90 -29.29 -11.35 -8.86
C VAL A 90 -29.85 -12.63 -8.27
N SER A 91 -29.80 -13.69 -9.06
CA SER A 91 -30.57 -14.91 -8.78
C SER A 91 -29.90 -15.84 -7.77
N GLN A 92 -28.71 -15.48 -7.26
CA GLN A 92 -28.00 -16.25 -6.23
C GLN A 92 -27.34 -15.31 -5.24
N SER A 93 -27.17 -15.78 -4.01
CA SER A 93 -26.48 -15.03 -2.98
C SER A 93 -24.98 -15.33 -3.02
N ASN A 94 -24.18 -14.31 -2.73
CA ASN A 94 -22.73 -14.48 -2.55
C ASN A 94 -22.51 -15.25 -1.25
N VAL A 95 -22.05 -16.51 -1.35
CA VAL A 95 -21.83 -17.30 -0.13
C VAL A 95 -20.60 -16.84 0.64
N HIS A 96 -19.71 -16.06 0.02
CA HIS A 96 -18.58 -15.45 0.72
C HIS A 96 -18.84 -14.00 1.09
N THR A 97 -20.10 -13.64 1.32
CA THR A 97 -20.43 -12.31 1.81
C THR A 97 -19.84 -12.17 3.21
N PRO A 98 -18.95 -11.21 3.43
CA PRO A 98 -18.45 -10.99 4.80
C PRO A 98 -19.47 -10.27 5.65
N LYS A 99 -19.27 -10.38 6.96
CA LYS A 99 -19.97 -9.52 7.90
C LYS A 99 -19.58 -8.08 7.62
N HIS A 100 -20.57 -7.21 7.47
CA HIS A 100 -20.30 -5.91 6.89
C HIS A 100 -21.38 -4.92 7.29
N VAL A 101 -21.04 -3.65 7.19
CA VAL A 101 -21.98 -2.54 7.28
C VAL A 101 -21.59 -1.53 6.21
N PHE A 102 -22.42 -0.50 6.07
CA PHE A 102 -22.16 0.63 5.20
C PHE A 102 -21.93 1.87 6.06
N LYS A 103 -20.88 2.63 5.74
CA LYS A 103 -20.57 3.83 6.49
C LYS A 103 -20.19 4.94 5.51
N THR A 104 -20.67 6.15 5.75
CA THR A 104 -20.25 7.29 4.95
C THR A 104 -19.02 7.91 5.60
N LEU A 105 -18.04 8.26 4.79
CA LEU A 105 -16.80 8.82 5.30
C LEU A 105 -16.95 10.33 5.50
N LYS A 106 -16.12 10.86 6.41
CA LYS A 106 -15.96 12.29 6.59
C LYS A 106 -14.54 12.70 6.23
N PRO A 107 -14.31 13.94 5.81
CA PRO A 107 -12.93 14.39 5.57
C PRO A 107 -12.05 14.05 6.76
N GLY A 108 -10.81 13.68 6.46
CA GLY A 108 -9.88 13.18 7.44
C GLY A 108 -9.91 11.67 7.64
N ASP A 109 -10.93 10.98 7.14
CA ASP A 109 -10.99 9.54 7.32
C ASP A 109 -10.03 8.85 6.34
N SER A 110 -9.27 7.89 6.86
CA SER A 110 -8.50 6.96 6.05
C SER A 110 -9.35 5.75 5.69
N PHE A 111 -9.05 5.15 4.55
CA PHE A 111 -9.68 3.90 4.13
C PHE A 111 -8.81 3.25 3.05
N ASN A 112 -9.29 2.11 2.56
CA ASN A 112 -8.59 1.24 1.64
C ASN A 112 -9.32 1.19 0.31
N ILE A 113 -8.57 1.27 -0.77
CA ILE A 113 -9.11 1.18 -2.13
C ILE A 113 -8.63 -0.14 -2.73
N LEU A 114 -9.56 -0.91 -3.26
CA LEU A 114 -9.21 -2.09 -4.05
C LEU A 114 -9.42 -1.69 -5.51
N ALA A 115 -8.33 -1.41 -6.22
CA ALA A 115 -8.41 -0.99 -7.62
C ALA A 115 -8.69 -2.20 -8.49
N CYS A 116 -9.80 -2.13 -9.26
CA CYS A 116 -10.37 -3.26 -9.99
C CYS A 116 -10.60 -2.89 -11.46
N TYR A 117 -10.41 -3.87 -12.33
CA TYR A 117 -10.60 -3.70 -13.77
C TYR A 117 -11.31 -4.92 -14.31
N GLU A 118 -12.47 -4.70 -14.94
CA GLU A 118 -13.28 -5.79 -15.51
C GLU A 118 -13.66 -6.82 -14.46
N GLY A 119 -13.97 -6.36 -13.25
CA GLY A 119 -14.29 -7.25 -12.14
C GLY A 119 -13.13 -8.01 -11.52
N ILE A 120 -11.87 -7.64 -11.78
CA ILE A 120 -10.69 -8.32 -11.24
C ILE A 120 -9.82 -7.31 -10.50
N ALA A 121 -9.59 -7.55 -9.21
CA ALA A 121 -8.73 -6.67 -8.41
C ALA A 121 -7.30 -6.71 -8.93
N SER A 122 -6.70 -5.53 -9.11
CA SER A 122 -5.29 -5.52 -9.47
C SER A 122 -4.40 -4.77 -8.47
N GLY A 123 -4.94 -3.96 -7.57
CA GLY A 123 -4.11 -3.33 -6.56
C GLY A 123 -4.89 -2.88 -5.34
N VAL A 124 -4.17 -2.62 -4.26
CA VAL A 124 -4.78 -2.19 -3.00
C VAL A 124 -3.85 -1.19 -2.31
N PHE A 125 -4.42 -0.08 -1.83
CA PHE A 125 -3.66 0.99 -1.21
C PHE A 125 -4.55 1.75 -0.24
N GLY A 126 -3.91 2.43 0.70
CA GLY A 126 -4.61 3.27 1.64
C GLY A 126 -4.64 4.71 1.16
N VAL A 127 -5.72 5.41 1.50
CA VAL A 127 -5.91 6.79 1.10
C VAL A 127 -6.62 7.51 2.24
N ASN A 128 -6.68 8.83 2.10
CA ASN A 128 -7.37 9.71 3.03
C ASN A 128 -8.39 10.52 2.24
N LEU A 129 -9.61 10.59 2.76
CA LEU A 129 -10.58 11.52 2.19
C LEU A 129 -10.17 12.95 2.57
N ARG A 130 -9.87 13.75 1.56
CA ARG A 130 -9.39 15.10 1.77
C ARG A 130 -10.56 16.05 2.03
N THR A 131 -10.21 17.25 2.51
CA THR A 131 -11.23 18.24 2.89
C THR A 131 -12.12 18.61 1.71
N ASN A 132 -11.61 18.50 0.48
CA ASN A 132 -12.42 18.80 -0.69
C ASN A 132 -13.19 17.58 -1.21
N PHE A 133 -13.28 16.52 -0.40
CA PHE A 133 -14.08 15.33 -0.68
C PHE A 133 -13.58 14.55 -1.91
N THR A 134 -12.30 14.68 -2.25
CA THR A 134 -11.67 13.86 -3.28
C THR A 134 -10.53 13.05 -2.68
N ILE A 135 -10.03 12.09 -3.46
CA ILE A 135 -8.88 11.30 -3.06
C ILE A 135 -7.86 11.34 -4.18
N LYS A 136 -6.64 10.98 -3.82
CA LYS A 136 -5.51 10.91 -4.75
C LYS A 136 -5.22 9.42 -4.96
N GLY A 137 -5.96 8.82 -5.88
CA GLY A 137 -5.79 7.42 -6.21
C GLY A 137 -4.83 7.21 -7.36
N SER A 138 -4.74 5.97 -7.79
CA SER A 138 -4.02 5.58 -9.00
C SER A 138 -4.99 4.71 -9.79
N PHE A 139 -5.70 5.33 -10.73
CA PHE A 139 -6.74 4.68 -11.50
C PHE A 139 -6.49 4.93 -12.98
N ILE A 140 -6.76 3.92 -13.79
CA ILE A 140 -6.81 4.17 -15.23
C ILE A 140 -8.19 3.78 -15.73
N ASN A 141 -8.36 3.75 -17.05
CA ASN A 141 -9.64 3.43 -17.65
C ASN A 141 -10.08 2.04 -17.22
N GLY A 142 -11.29 1.95 -16.68
CA GLY A 142 -11.88 0.69 -16.27
C GLY A 142 -12.06 0.54 -14.77
N ALA A 143 -11.59 1.50 -13.96
CA ALA A 143 -11.60 1.36 -12.51
C ALA A 143 -12.91 1.82 -11.85
N CYS A 144 -13.81 2.42 -12.62
CA CYS A 144 -15.14 2.82 -12.14
C CYS A 144 -15.83 1.68 -11.39
N GLY A 145 -16.38 2.00 -10.21
CA GLY A 145 -16.95 0.98 -9.33
C GLY A 145 -15.99 0.30 -8.35
N SER A 146 -14.68 0.58 -8.43
CA SER A 146 -13.71 0.04 -7.47
C SER A 146 -14.10 0.39 -6.03
N PRO A 147 -14.10 -0.57 -5.11
CA PRO A 147 -14.60 -0.28 -3.77
C PRO A 147 -13.57 0.26 -2.79
N GLY A 148 -14.07 1.06 -1.86
CA GLY A 148 -13.33 1.50 -0.69
C GLY A 148 -13.94 0.88 0.55
N TYR A 149 -13.08 0.57 1.54
CA TYR A 149 -13.50 -0.22 2.70
C TYR A 149 -12.52 -0.01 3.86
N ASN A 150 -13.02 -0.25 5.07
CA ASN A 150 -12.21 -0.44 6.27
C ASN A 150 -12.64 -1.74 6.95
N VAL A 151 -11.72 -2.36 7.68
CA VAL A 151 -12.04 -3.53 8.49
C VAL A 151 -11.97 -3.11 9.96
N ARG A 152 -13.07 -3.27 10.67
CA ARG A 152 -13.11 -2.88 12.08
C ARG A 152 -12.35 -3.91 12.92
N ASN A 153 -12.20 -3.59 14.20
CA ASN A 153 -11.43 -4.45 15.10
C ASN A 153 -12.04 -5.85 15.20
N ASP A 154 -13.37 -5.96 15.17
CA ASP A 154 -14.00 -7.27 15.26
C ASP A 154 -14.18 -7.96 13.91
N GLY A 155 -13.60 -7.43 12.84
CA GLY A 155 -13.67 -8.08 11.53
C GLY A 155 -14.86 -7.69 10.69
N THR A 156 -15.67 -6.74 11.13
CA THR A 156 -16.78 -6.23 10.34
C THR A 156 -16.23 -5.30 9.26
N VAL A 157 -16.48 -5.62 7.98
CA VAL A 157 -16.05 -4.73 6.91
C VAL A 157 -16.99 -3.54 6.83
N GLU A 158 -16.44 -2.33 6.79
CA GLU A 158 -17.23 -1.13 6.48
C GLU A 158 -17.02 -0.77 5.01
N PHE A 159 -18.06 -0.92 4.20
CA PHE A 159 -18.04 -0.48 2.80
C PHE A 159 -18.42 1.00 2.72
N CYS A 160 -17.55 1.82 2.13
CA CYS A 160 -17.74 3.25 2.23
C CYS A 160 -17.56 4.03 0.92
N TYR A 161 -17.08 3.41 -0.14
CA TYR A 161 -16.66 4.15 -1.32
C TYR A 161 -16.85 3.29 -2.55
N LEU A 162 -17.31 3.92 -3.62
CA LEU A 162 -17.35 3.32 -4.95
C LEU A 162 -16.79 4.36 -5.91
N HIS A 163 -15.73 4.02 -6.62
CA HIS A 163 -15.12 4.98 -7.51
C HIS A 163 -16.05 5.38 -8.67
N GLN A 164 -16.16 6.68 -8.91
CA GLN A 164 -17.05 7.22 -9.95
C GLN A 164 -16.29 7.92 -11.08
N ILE A 165 -15.49 8.96 -10.80
CA ILE A 165 -14.93 9.77 -11.88
C ILE A 165 -13.62 10.42 -11.49
N GLU A 166 -12.82 10.75 -12.50
CA GLU A 166 -11.64 11.58 -12.40
C GLU A 166 -11.94 12.98 -12.93
N LEU A 167 -11.65 13.99 -12.12
CA LEU A 167 -11.81 15.38 -12.56
C LEU A 167 -10.59 15.82 -13.36
N GLY A 168 -10.72 16.98 -14.02
CA GLY A 168 -9.67 17.47 -14.88
C GLY A 168 -8.33 17.60 -14.19
N SER A 169 -8.34 18.09 -12.93
CA SER A 169 -7.10 18.22 -12.16
C SER A 169 -6.47 16.86 -11.82
N GLY A 170 -7.12 15.74 -12.16
CA GLY A 170 -6.65 14.44 -11.76
C GLY A 170 -7.20 13.92 -10.44
N ALA A 171 -7.94 14.74 -9.70
CA ALA A 171 -8.54 14.30 -8.45
C ALA A 171 -9.66 13.29 -8.71
N HIS A 172 -9.79 12.32 -7.82
CA HIS A 172 -10.75 11.23 -7.98
C HIS A 172 -11.93 11.39 -7.03
N VAL A 173 -13.10 11.03 -7.54
CA VAL A 173 -14.36 11.25 -6.84
C VAL A 173 -15.09 9.92 -6.79
N GLY A 174 -15.78 9.68 -5.67
CA GLY A 174 -16.56 8.46 -5.49
C GLY A 174 -17.88 8.75 -4.83
N SER A 175 -18.64 7.68 -4.59
CA SER A 175 -19.91 7.78 -3.88
C SER A 175 -19.93 6.77 -2.75
N ASP A 176 -20.89 6.92 -1.83
CA ASP A 176 -21.07 5.87 -0.85
C ASP A 176 -22.08 4.88 -1.40
N PHE A 177 -22.34 3.81 -0.64
CA PHE A 177 -23.19 2.76 -1.16
C PHE A 177 -24.68 3.12 -1.16
N THR A 178 -25.06 4.28 -0.63
CA THR A 178 -26.40 4.79 -0.83
C THR A 178 -26.52 5.63 -2.09
N GLY A 179 -25.40 5.92 -2.76
CA GLY A 179 -25.46 6.65 -4.01
C GLY A 179 -25.22 8.14 -3.89
N SER A 180 -24.98 8.66 -2.69
CA SER A 180 -24.55 10.04 -2.54
C SER A 180 -23.11 10.18 -3.01
N VAL A 181 -22.87 11.12 -3.93
CA VAL A 181 -21.50 11.44 -4.32
C VAL A 181 -20.86 12.27 -3.23
N TYR A 182 -19.63 11.90 -2.83
CA TYR A 182 -18.87 12.73 -1.89
C TYR A 182 -18.61 14.09 -2.49
N GLY A 183 -18.90 15.14 -1.71
CA GLY A 183 -18.75 16.48 -2.25
C GLY A 183 -19.77 16.86 -3.29
N ASN A 184 -20.75 16.00 -3.55
CA ASN A 184 -21.90 16.29 -4.42
C ASN A 184 -21.48 16.74 -5.81
N PHE A 185 -20.31 16.26 -6.26
CA PHE A 185 -19.98 16.35 -7.67
C PHE A 185 -21.04 15.60 -8.47
N ASP A 186 -21.09 15.88 -9.76
CA ASP A 186 -21.99 15.16 -10.64
C ASP A 186 -21.29 13.96 -11.25
N ASP A 187 -22.04 12.86 -11.41
CA ASP A 187 -21.48 11.60 -11.89
C ASP A 187 -21.57 11.49 -13.40
N GLN A 188 -21.17 12.56 -14.09
CA GLN A 188 -20.96 12.54 -15.53
C GLN A 188 -19.88 13.57 -15.87
N PRO A 189 -19.23 13.42 -17.03
CA PRO A 189 -18.22 14.41 -17.43
C PRO A 189 -18.77 15.83 -17.49
N SER A 190 -17.99 16.76 -16.93
CA SER A 190 -18.33 18.18 -16.87
C SER A 190 -17.06 18.95 -16.53
N LEU A 191 -17.21 20.25 -16.33
CA LEU A 191 -16.08 21.13 -16.08
C LEU A 191 -15.89 21.43 -14.60
N GLN A 192 -16.44 20.59 -13.71
CA GLN A 192 -16.42 20.90 -12.29
C GLN A 192 -15.01 20.85 -11.73
N VAL A 193 -14.74 21.75 -10.78
CA VAL A 193 -13.43 21.86 -10.13
C VAL A 193 -13.64 21.75 -8.64
N GLU A 194 -12.78 21.00 -7.97
CA GLU A 194 -12.90 20.86 -6.53
C GLU A 194 -12.29 22.07 -5.82
N SER A 195 -12.70 22.25 -4.56
CA SER A 195 -12.14 23.32 -3.75
C SER A 195 -10.70 23.00 -3.33
N ALA A 196 -10.08 23.99 -2.68
CA ALA A 196 -8.68 23.86 -2.30
C ALA A 196 -8.51 22.79 -1.22
N ASN A 197 -7.43 22.04 -1.35
CA ASN A 197 -7.04 21.05 -0.35
C ASN A 197 -6.53 21.75 0.91
N LEU A 198 -7.04 21.37 2.08
CA LEU A 198 -6.53 21.84 3.36
C LEU A 198 -5.68 20.73 4.00
N MET A 199 -4.60 21.15 4.68
CA MET A 199 -3.78 20.19 5.42
C MET A 199 -4.54 19.70 6.64
N LEU A 200 -4.62 18.37 6.81
CA LEU A 200 -5.36 17.76 7.92
C LEU A 200 -4.53 17.87 9.20
N SER A 201 -4.90 18.84 10.04
CA SER A 201 -4.11 19.16 11.23
C SER A 201 -3.99 17.99 12.20
N ASP A 202 -5.04 17.17 12.32
CA ASP A 202 -4.98 16.02 13.22
C ASP A 202 -3.90 15.03 12.79
N ASN A 203 -3.69 14.90 11.47
CA ASN A 203 -2.66 14.00 10.95
C ASN A 203 -1.26 14.59 11.14
N VAL A 204 -1.14 15.92 10.99
CA VAL A 204 0.15 16.56 11.22
C VAL A 204 0.59 16.39 12.68
N VAL A 205 -0.36 16.48 13.61
CA VAL A 205 -0.02 16.30 15.03
C VAL A 205 0.48 14.88 15.28
N ALA A 206 -0.27 13.88 14.79
CA ALA A 206 0.16 12.49 14.89
C ALA A 206 1.53 12.28 14.25
N PHE A 207 1.77 12.91 13.10
CA PHE A 207 3.07 12.82 12.46
C PHE A 207 4.18 13.35 13.39
N LEU A 208 3.95 14.52 14.00
CA LEU A 208 4.99 15.08 14.86
C LEU A 208 5.17 14.27 16.13
N TYR A 209 4.11 13.63 16.65
CA TYR A 209 4.32 12.70 17.76
C TYR A 209 5.13 11.49 17.33
N ALA A 210 4.98 11.03 16.08
CA ALA A 210 5.81 9.92 15.62
C ALA A 210 7.27 10.34 15.50
N ALA A 211 7.52 11.52 14.94
CA ALA A 211 8.88 12.07 14.90
C ALA A 211 9.50 12.08 16.29
N LEU A 212 8.73 12.47 17.31
CA LEU A 212 9.24 12.51 18.67
C LEU A 212 9.61 11.12 19.17
N LEU A 213 8.72 10.15 18.98
CA LEU A 213 8.99 8.80 19.44
C LEU A 213 10.15 8.16 18.67
N ASN A 214 10.55 8.75 17.55
CA ASN A 214 11.71 8.29 16.78
C ASN A 214 12.96 9.16 17.00
N GLY A 215 13.03 9.88 18.13
CA GLY A 215 14.20 10.68 18.47
C GLY A 215 14.45 11.87 17.58
N CYS A 216 13.45 12.32 16.84
CA CYS A 216 13.59 13.47 15.94
C CYS A 216 12.86 14.66 16.58
N ARG A 217 13.63 15.60 17.14
CA ARG A 217 13.04 16.71 17.88
C ARG A 217 13.82 18.02 17.68
N TRP A 218 14.53 18.18 16.56
CA TRP A 218 15.20 19.46 16.30
C TRP A 218 14.21 20.59 16.09
N TRP A 219 12.98 20.28 15.70
CA TRP A 219 11.96 21.25 15.32
C TRP A 219 11.06 21.69 16.48
N LEU A 220 11.14 21.03 17.62
CA LEU A 220 10.21 21.28 18.72
C LEU A 220 10.24 22.75 19.17
N CYS A 221 9.06 23.34 19.28
CA CYS A 221 8.91 24.66 19.88
C CYS A 221 8.52 24.53 21.34
N SER A 222 9.04 25.45 22.16
CA SER A 222 8.66 25.57 23.55
C SER A 222 7.51 26.54 23.74
N THR A 223 7.20 27.33 22.72
CA THR A 223 5.97 28.12 22.79
C THR A 223 4.74 27.21 22.81
N ARG A 224 3.63 27.76 23.30
CA ARG A 224 2.36 27.04 23.35
C ARG A 224 1.29 27.90 22.70
N VAL A 225 0.49 27.27 21.86
CA VAL A 225 -0.67 27.87 21.23
C VAL A 225 -1.86 27.00 21.61
N ASN A 226 -2.90 27.59 22.20
CA ASN A 226 -4.02 26.75 22.59
C ASN A 226 -4.91 26.46 21.36
N VAL A 227 -5.89 25.56 21.56
CA VAL A 227 -6.64 25.04 20.41
C VAL A 227 -7.41 26.16 19.70
N ASP A 228 -8.06 27.03 20.47
CA ASP A 228 -8.81 28.14 19.87
C ASP A 228 -7.91 29.03 19.03
N GLY A 229 -6.75 29.41 19.59
CA GLY A 229 -5.80 30.22 18.85
C GLY A 229 -5.32 29.53 17.58
N PHE A 230 -4.90 28.27 17.70
CA PHE A 230 -4.44 27.54 16.52
C PHE A 230 -5.54 27.43 15.47
N ASN A 231 -6.79 27.15 15.89
CA ASN A 231 -7.89 27.03 14.95
C ASN A 231 -8.10 28.33 14.19
N GLU A 232 -7.97 29.46 14.88
CA GLU A 232 -8.05 30.76 14.21
C GLU A 232 -6.93 30.93 13.21
N TRP A 233 -5.71 30.57 13.60
CA TRP A 233 -4.58 30.62 12.67
C TRP A 233 -4.79 29.66 11.49
N ALA A 234 -5.26 28.44 11.78
CA ALA A 234 -5.47 27.43 10.75
C ALA A 234 -6.33 27.95 9.59
N MET A 235 -7.41 28.66 9.90
CA MET A 235 -8.25 29.25 8.85
C MET A 235 -7.42 30.12 7.90
N ALA A 236 -6.49 30.88 8.46
CA ALA A 236 -5.73 31.83 7.68
C ALA A 236 -4.61 31.18 6.88
N ASN A 237 -4.34 29.87 7.06
CA ASN A 237 -3.12 29.30 6.50
C ASN A 237 -3.29 27.91 5.88
N GLY A 238 -4.48 27.52 5.43
CA GLY A 238 -4.60 26.28 4.69
C GLY A 238 -4.64 25.01 5.51
N TYR A 239 -5.00 25.10 6.79
CA TYR A 239 -5.05 23.98 7.71
C TYR A 239 -6.46 23.86 8.24
N THR A 240 -6.88 22.63 8.56
CA THR A 240 -8.15 22.46 9.26
C THR A 240 -7.97 22.79 10.74
N SER A 241 -9.10 22.93 11.42
CA SER A 241 -9.08 22.99 12.87
C SER A 241 -8.58 21.66 13.43
N VAL A 242 -8.07 21.71 14.66
CA VAL A 242 -7.61 20.51 15.33
C VAL A 242 -8.75 20.02 16.21
N SER A 243 -8.97 18.70 16.21
CA SER A 243 -10.19 18.19 16.81
C SER A 243 -10.14 18.24 18.33
N SER A 244 -9.24 17.48 18.95
CA SER A 244 -9.25 17.32 20.40
C SER A 244 -7.82 17.14 20.86
N VAL A 245 -7.61 17.24 22.17
CA VAL A 245 -6.28 17.09 22.76
C VAL A 245 -6.10 15.75 23.46
N GLU A 246 -7.14 15.26 24.15
CA GLU A 246 -6.98 14.12 25.06
C GLU A 246 -6.81 12.79 24.33
N CYS A 247 -7.24 12.70 23.07
CA CYS A 247 -6.93 11.52 22.26
C CYS A 247 -5.43 11.23 22.24
N TYR A 248 -4.61 12.27 22.40
CA TYR A 248 -3.17 12.20 22.29
C TYR A 248 -2.47 12.03 23.64
N SER A 249 -3.22 11.85 24.73
CA SER A 249 -2.59 11.87 26.06
C SER A 249 -1.72 10.65 26.31
N ILE A 250 -2.03 9.51 25.68
CA ILE A 250 -1.05 8.43 25.65
C ILE A 250 0.25 8.94 25.06
N LEU A 251 0.16 9.72 23.97
CA LEU A 251 1.36 10.18 23.28
C LEU A 251 2.03 11.33 24.03
N ALA A 252 1.27 12.13 24.80
CA ALA A 252 1.83 13.21 25.58
C ALA A 252 2.44 12.75 26.89
N ALA A 253 2.03 11.58 27.40
CA ALA A 253 2.66 11.02 28.60
C ALA A 253 4.07 10.54 28.29
N LYS A 254 4.22 9.66 27.30
CA LYS A 254 5.52 9.54 26.68
C LYS A 254 5.88 10.86 25.99
N THR A 255 7.10 10.93 25.45
CA THR A 255 7.61 12.16 24.82
C THR A 255 7.63 13.36 25.75
N GLY A 256 6.63 13.51 26.64
CA GLY A 256 6.55 14.64 27.54
C GLY A 256 6.14 15.95 26.91
N VAL A 257 5.60 15.93 25.69
CA VAL A 257 5.26 17.13 24.93
C VAL A 257 3.74 17.20 24.78
N SER A 258 3.18 18.39 24.99
CA SER A 258 1.73 18.56 24.91
C SER A 258 1.31 18.90 23.48
N VAL A 259 0.00 18.77 23.23
CA VAL A 259 -0.53 19.06 21.90
C VAL A 259 -0.31 20.53 21.56
N GLU A 260 -0.39 21.40 22.56
CA GLU A 260 -0.25 22.83 22.30
C GLU A 260 1.18 23.21 21.92
N GLN A 261 2.18 22.45 22.36
CA GLN A 261 3.53 22.66 21.86
C GLN A 261 3.65 22.26 20.39
N LEU A 262 3.04 21.13 20.02
CA LEU A 262 3.00 20.70 18.63
C LEU A 262 2.27 21.70 17.73
N LEU A 263 1.13 22.22 18.22
CA LEU A 263 0.42 23.26 17.46
C LEU A 263 1.30 24.48 17.24
N ALA A 264 2.02 24.90 18.27
CA ALA A 264 3.01 25.97 18.10
C ALA A 264 4.07 25.55 17.11
N SER A 265 4.55 24.30 17.21
CA SER A 265 5.56 23.82 16.27
C SER A 265 5.06 23.90 14.83
N ILE A 266 3.79 23.53 14.59
CA ILE A 266 3.23 23.56 13.24
C ILE A 266 3.28 24.98 12.68
N GLN A 267 2.83 25.94 13.48
CA GLN A 267 2.87 27.33 13.03
C GLN A 267 4.30 27.78 12.72
N HIS A 268 5.28 27.22 13.42
CA HIS A 268 6.66 27.57 13.15
C HIS A 268 7.18 26.90 11.89
N LEU A 269 6.83 25.63 11.67
CA LEU A 269 7.30 24.87 10.52
C LEU A 269 6.48 25.09 9.27
N HIS A 270 5.46 25.94 9.35
CA HIS A 270 4.51 26.14 8.26
C HIS A 270 5.19 26.61 6.98
N GLU A 271 6.26 27.40 7.10
CA GLU A 271 7.00 27.85 5.92
C GLU A 271 7.70 26.69 5.22
N GLY A 272 8.27 25.77 6.00
CA GLY A 272 9.18 24.77 5.48
C GLY A 272 10.34 24.55 6.43
N PHE A 273 11.08 23.45 6.23
CA PHE A 273 12.14 23.05 7.16
C PHE A 273 13.51 23.55 6.71
N GLY A 274 13.60 24.11 5.49
CA GLY A 274 14.81 24.50 4.75
C GLY A 274 16.13 24.03 5.35
N GLY A 275 16.71 22.99 4.75
CA GLY A 275 17.98 22.46 5.19
C GLY A 275 17.86 21.29 6.13
N LYS A 276 16.65 20.79 6.35
CA LYS A 276 16.44 19.74 7.33
C LYS A 276 15.19 18.97 6.94
N ASN A 277 15.05 17.79 7.54
CA ASN A 277 13.90 16.96 7.29
C ASN A 277 13.38 16.41 8.61
N ILE A 278 12.14 15.94 8.58
CA ILE A 278 11.53 15.23 9.70
C ILE A 278 11.11 13.87 9.19
N LEU A 279 11.75 12.82 9.72
CA LEU A 279 11.47 11.44 9.33
C LEU A 279 11.62 11.25 7.82
N GLY A 280 12.59 11.96 7.22
CA GLY A 280 12.81 11.91 5.79
C GLY A 280 11.90 12.79 4.95
N TYR A 281 10.99 13.54 5.54
CA TYR A 281 10.09 14.42 4.80
C TYR A 281 10.62 15.85 4.81
N SER A 282 10.45 16.54 3.68
CA SER A 282 10.96 17.89 3.50
C SER A 282 9.95 18.97 3.86
N SER A 283 8.70 18.58 4.15
CA SER A 283 7.67 19.48 4.63
C SER A 283 6.70 18.68 5.49
N LEU A 284 5.76 19.38 6.13
CA LEU A 284 4.89 18.74 7.10
C LEU A 284 3.97 17.73 6.40
N CYS A 285 3.93 16.51 6.95
CA CYS A 285 3.18 15.39 6.37
C CYS A 285 1.83 15.25 7.06
N ASP A 286 0.75 15.23 6.26
CA ASP A 286 -0.60 14.98 6.78
C ASP A 286 -1.20 13.67 6.26
N GLU A 287 -0.33 12.72 5.91
CA GLU A 287 -0.77 11.46 5.31
C GLU A 287 -1.25 10.43 6.33
N PHE A 288 -0.81 10.52 7.59
CA PHE A 288 -1.03 9.47 8.58
C PHE A 288 -1.94 9.94 9.72
N THR A 289 -2.89 9.08 10.11
CA THR A 289 -3.77 9.40 11.22
C THR A 289 -3.14 8.98 12.54
N LEU A 290 -3.73 9.48 13.62
CA LEU A 290 -3.34 9.04 14.95
C LEU A 290 -3.51 7.52 15.10
N ALA A 291 -4.63 6.99 14.62
CA ALA A 291 -4.84 5.54 14.69
C ALA A 291 -3.72 4.77 13.99
N GLU A 292 -3.28 5.26 12.82
CA GLU A 292 -2.18 4.62 12.09
C GLU A 292 -0.88 4.69 12.87
N VAL A 293 -0.55 5.86 13.43
CA VAL A 293 0.71 6.01 14.14
C VAL A 293 0.75 5.06 15.33
N VAL A 294 -0.31 5.04 16.14
CA VAL A 294 -0.36 4.18 17.32
C VAL A 294 -0.32 2.71 16.92
N LYS A 295 -1.09 2.33 15.88
CA LYS A 295 -1.14 0.94 15.43
C LYS A 295 0.22 0.49 14.93
N GLN A 296 0.84 1.25 14.05
CA GLN A 296 2.12 0.86 13.47
C GLN A 296 3.26 0.94 14.47
N MET A 297 3.12 1.72 15.53
CA MET A 297 4.19 1.83 16.51
C MET A 297 4.02 0.87 17.67
N TYR A 298 2.78 0.57 18.10
CA TYR A 298 2.57 -0.24 19.30
C TYR A 298 1.59 -1.39 19.13
N GLY A 299 0.97 -1.54 17.97
CA GLY A 299 0.00 -2.60 17.77
C GLY A 299 -1.34 -2.38 18.43
N VAL A 300 -1.71 -1.14 18.73
CA VAL A 300 -3.03 -0.86 19.32
C VAL A 300 -4.07 -0.47 18.26
N GLY B 2 0.12 10.49 -12.41
CA GLY B 2 0.36 10.30 -11.00
C GLY B 2 0.81 8.89 -10.65
N LEU B 3 1.74 8.80 -9.69
CA LEU B 3 2.40 7.54 -9.33
C LEU B 3 2.16 7.26 -7.85
N LYS B 4 1.47 6.17 -7.55
CA LYS B 4 1.22 5.75 -6.17
C LYS B 4 1.79 4.36 -5.93
N LYS B 5 2.48 4.19 -4.81
CA LYS B 5 3.00 2.88 -4.41
C LYS B 5 1.84 2.01 -3.94
N MET B 6 1.65 0.86 -4.58
CA MET B 6 0.50 -0.01 -4.36
C MET B 6 1.01 -1.42 -4.10
N ALA B 7 0.21 -2.21 -3.39
CA ALA B 7 0.48 -3.64 -3.30
C ALA B 7 -0.45 -4.40 -4.24
N GLN B 8 -0.03 -5.60 -4.62
CA GLN B 8 -0.97 -6.50 -5.28
C GLN B 8 -1.90 -7.14 -4.25
N PRO B 9 -3.15 -7.44 -4.63
CA PRO B 9 -4.13 -7.98 -3.66
C PRO B 9 -3.58 -9.18 -2.93
N SER B 10 -4.00 -9.34 -1.67
CA SER B 10 -3.36 -10.28 -0.74
C SER B 10 -4.18 -11.54 -0.47
N GLY B 11 -5.37 -11.68 -1.06
CA GLY B 11 -6.25 -12.77 -0.69
C GLY B 11 -5.61 -14.14 -0.80
N CYS B 12 -4.93 -14.43 -1.91
CA CYS B 12 -4.40 -15.78 -2.10
C CYS B 12 -3.27 -16.08 -1.12
N VAL B 13 -2.56 -15.05 -0.63
CA VAL B 13 -1.49 -15.27 0.32
C VAL B 13 -2.02 -15.36 1.76
N GLU B 14 -3.08 -14.61 2.08
CA GLU B 14 -3.68 -14.67 3.42
C GLU B 14 -4.05 -16.10 3.81
N ARG B 15 -4.56 -16.88 2.87
CA ARG B 15 -4.95 -18.26 3.12
C ARG B 15 -3.76 -19.20 3.30
N CYS B 16 -2.51 -18.70 3.23
CA CYS B 16 -1.35 -19.55 3.49
C CYS B 16 -0.66 -19.24 4.81
N VAL B 17 -1.11 -18.23 5.55
CA VAL B 17 -0.37 -17.77 6.73
C VAL B 17 -0.86 -18.51 7.96
N VAL B 18 0.07 -19.06 8.75
CA VAL B 18 -0.23 -19.83 9.94
C VAL B 18 0.56 -19.32 11.13
N ARG B 19 0.11 -19.74 12.30
CA ARG B 19 0.72 -19.42 13.58
C ARG B 19 1.60 -20.60 13.95
N VAL B 20 2.92 -20.37 14.07
CA VAL B 20 3.87 -21.38 14.50
C VAL B 20 4.36 -21.01 15.89
N CYS B 21 4.20 -21.94 16.82
CA CYS B 21 4.61 -21.77 18.21
C CYS B 21 5.59 -22.89 18.58
N TYR B 22 6.66 -22.53 19.28
CA TYR B 22 7.57 -23.51 19.85
C TYR B 22 7.91 -23.08 21.28
N GLY B 23 7.53 -23.90 22.26
CA GLY B 23 7.59 -23.43 23.64
C GLY B 23 6.71 -22.22 23.77
N SER B 24 7.23 -21.14 24.35
CA SER B 24 6.54 -19.85 24.39
C SER B 24 6.78 -18.97 23.16
N THR B 25 7.76 -19.29 22.33
CA THR B 25 8.09 -18.46 21.18
C THR B 25 7.01 -18.61 20.09
N VAL B 26 6.54 -17.48 19.56
CA VAL B 26 5.46 -17.45 18.57
C VAL B 26 5.88 -16.59 17.40
N LEU B 27 5.66 -17.07 16.18
CA LEU B 27 5.84 -16.24 14.98
C LEU B 27 4.93 -16.77 13.87
N ASN B 28 5.16 -16.30 12.64
CA ASN B 28 4.32 -16.63 11.48
C ASN B 28 5.02 -17.65 10.60
N GLY B 29 4.23 -18.51 9.93
CA GLY B 29 4.74 -19.44 8.97
C GLY B 29 3.89 -19.39 7.70
N VAL B 30 4.39 -20.05 6.65
CA VAL B 30 3.69 -20.12 5.36
C VAL B 30 3.43 -21.58 5.01
N TRP B 31 2.15 -21.93 4.89
CA TRP B 31 1.65 -23.29 4.68
C TRP B 31 1.34 -23.51 3.20
N LEU B 32 2.19 -24.28 2.51
CA LEU B 32 1.99 -24.60 1.10
C LEU B 32 2.04 -26.12 0.96
N GLY B 33 0.99 -26.70 0.36
CA GLY B 33 0.89 -28.16 0.38
C GLY B 33 0.92 -28.65 1.82
N ASP B 34 1.80 -29.60 2.12
CA ASP B 34 1.91 -30.13 3.47
C ASP B 34 3.19 -29.65 4.18
N THR B 35 3.70 -28.48 3.78
CA THR B 35 4.88 -27.89 4.40
C THR B 35 4.55 -26.50 4.92
N VAL B 36 5.01 -26.21 6.12
CA VAL B 36 5.04 -24.86 6.68
C VAL B 36 6.49 -24.41 6.72
N THR B 37 6.78 -23.25 6.14
CA THR B 37 8.12 -22.67 6.20
C THR B 37 8.08 -21.49 7.16
N CYS B 38 9.05 -21.43 8.07
CA CYS B 38 9.07 -20.36 9.04
C CYS B 38 10.50 -20.11 9.44
N PRO B 39 10.81 -18.95 10.02
CA PRO B 39 12.19 -18.70 10.49
C PRO B 39 12.58 -19.61 11.65
N ARG B 40 13.86 -20.01 11.66
CA ARG B 40 14.35 -20.94 12.67
C ARG B 40 14.49 -20.30 14.03
N HIS B 41 14.44 -18.98 14.13
CA HIS B 41 14.39 -18.34 15.44
C HIS B 41 13.33 -18.93 16.37
N VAL B 42 12.27 -19.54 15.83
CA VAL B 42 11.22 -20.04 16.71
C VAL B 42 11.71 -21.13 17.67
N ILE B 43 12.80 -21.85 17.35
CA ILE B 43 13.36 -22.83 18.28
C ILE B 43 14.51 -22.27 19.10
N ALA B 44 14.78 -20.98 19.01
CA ALA B 44 15.87 -20.42 19.77
C ALA B 44 15.52 -20.45 21.27
N PRO B 45 16.45 -20.82 22.14
CA PRO B 45 16.20 -20.67 23.58
C PRO B 45 16.12 -19.19 23.93
N SER B 46 15.48 -18.91 25.05
CA SER B 46 15.46 -17.56 25.59
C SER B 46 16.78 -17.30 26.30
N THR B 47 17.61 -16.42 25.74
CA THR B 47 18.94 -16.15 26.30
C THR B 47 19.53 -14.91 25.64
N THR B 48 20.45 -14.24 26.34
CA THR B 48 21.12 -13.05 25.82
C THR B 48 22.49 -13.35 25.24
N VAL B 49 22.84 -14.61 25.02
CA VAL B 49 24.11 -14.97 24.43
C VAL B 49 23.87 -15.40 22.98
N LEU B 50 24.96 -15.49 22.21
CA LEU B 50 24.91 -15.98 20.84
C LEU B 50 24.25 -17.35 20.78
N ILE B 51 23.25 -17.47 19.89
CA ILE B 51 22.45 -18.69 19.81
C ILE B 51 23.16 -19.69 18.90
N ASP B 52 23.37 -20.91 19.42
CA ASP B 52 23.90 -22.00 18.60
C ASP B 52 22.72 -22.76 18.04
N TYR B 53 22.41 -22.53 16.76
CA TYR B 53 21.21 -23.09 16.17
C TYR B 53 21.35 -24.57 15.88
N ASP B 54 22.57 -25.04 15.58
CA ASP B 54 22.77 -26.47 15.38
C ASP B 54 22.47 -27.24 16.67
N HIS B 55 22.87 -26.68 17.82
CA HIS B 55 22.53 -27.32 19.08
C HIS B 55 21.03 -27.28 19.34
N ALA B 56 20.39 -26.13 19.11
CA ALA B 56 18.93 -26.04 19.31
C ALA B 56 18.21 -27.05 18.43
N TYR B 57 18.65 -27.20 17.19
CA TYR B 57 18.03 -28.17 16.30
C TYR B 57 18.20 -29.59 16.83
N SER B 58 19.35 -29.87 17.46
CA SER B 58 19.61 -31.21 17.97
C SER B 58 18.70 -31.55 19.15
N THR B 59 18.47 -30.58 20.04
CA THR B 59 17.63 -30.78 21.21
C THR B 59 16.14 -30.62 20.91
N MET B 60 15.76 -30.40 19.65
CA MET B 60 14.39 -30.12 19.27
C MET B 60 13.47 -31.32 19.52
N ARG B 61 12.25 -31.05 19.98
CA ARG B 61 11.23 -32.08 20.14
C ARG B 61 9.97 -31.69 19.38
N LEU B 62 9.43 -32.63 18.60
CA LEU B 62 8.25 -32.34 17.78
C LEU B 62 7.06 -31.94 18.64
N HIS B 63 6.87 -32.59 19.79
CA HIS B 63 5.71 -32.28 20.63
C HIS B 63 5.73 -30.85 21.14
N ASN B 64 6.86 -30.16 21.10
CA ASN B 64 6.90 -28.76 21.53
C ASN B 64 6.30 -27.81 20.51
N PHE B 65 6.10 -28.23 19.26
CA PHE B 65 5.55 -27.36 18.24
C PHE B 65 4.03 -27.27 18.38
N SER B 66 3.48 -26.09 18.09
CA SER B 66 2.06 -25.92 17.83
C SER B 66 1.90 -25.12 16.55
N VAL B 67 1.14 -25.65 15.60
CA VAL B 67 0.91 -24.99 14.32
C VAL B 67 -0.60 -24.92 14.11
N SER B 68 -1.11 -23.71 13.87
CA SER B 68 -2.55 -23.52 13.78
C SER B 68 -2.89 -22.52 12.68
N HIS B 69 -4.09 -22.70 12.13
CA HIS B 69 -4.69 -21.79 11.14
C HIS B 69 -6.13 -21.55 11.59
N ASN B 70 -6.46 -20.29 11.84
CA ASN B 70 -7.81 -19.91 12.29
C ASN B 70 -8.22 -20.67 13.55
N GLY B 71 -7.25 -20.85 14.46
CA GLY B 71 -7.48 -21.61 15.69
C GLY B 71 -7.66 -23.11 15.50
N VAL B 72 -7.33 -23.63 14.34
CA VAL B 72 -7.42 -25.05 14.01
C VAL B 72 -6.00 -25.59 13.89
N PHE B 73 -5.72 -26.66 14.63
CA PHE B 73 -4.35 -27.17 14.80
C PHE B 73 -4.01 -28.25 13.79
N LEU B 74 -2.84 -28.13 13.17
CA LEU B 74 -2.30 -29.12 12.25
C LEU B 74 -1.34 -30.04 12.98
N GLY B 75 -1.31 -31.30 12.57
CA GLY B 75 -0.35 -32.23 13.15
C GLY B 75 1.02 -32.06 12.54
N VAL B 76 2.03 -31.92 13.39
CA VAL B 76 3.42 -31.81 12.95
C VAL B 76 3.98 -33.22 12.78
N VAL B 77 4.59 -33.48 11.62
CA VAL B 77 5.12 -34.80 11.31
C VAL B 77 6.64 -34.84 11.36
N GLY B 78 7.31 -33.74 10.99
CA GLY B 78 8.75 -33.73 10.96
C GLY B 78 9.27 -32.34 10.64
N VAL B 79 10.50 -32.03 11.04
CA VAL B 79 11.09 -30.71 10.83
C VAL B 79 12.51 -30.90 10.33
N THR B 80 12.90 -30.15 9.28
CA THR B 80 14.30 -30.04 8.89
C THR B 80 14.69 -28.57 8.85
N MET B 81 15.99 -28.32 9.00
CA MET B 81 16.52 -26.97 9.02
C MET B 81 17.31 -26.71 7.73
N HIS B 82 17.07 -25.56 7.12
CA HIS B 82 17.71 -25.17 5.87
C HIS B 82 18.09 -23.71 5.99
N GLY B 83 19.39 -23.44 6.19
CA GLY B 83 19.87 -22.09 6.43
C GLY B 83 19.12 -21.48 7.60
N SER B 84 18.45 -20.35 7.37
CA SER B 84 17.76 -19.64 8.44
C SER B 84 16.28 -20.03 8.57
N VAL B 85 15.79 -21.01 7.82
CA VAL B 85 14.38 -21.41 7.94
C VAL B 85 14.27 -22.86 8.41
N LEU B 86 13.08 -23.19 8.89
CA LEU B 86 12.64 -24.55 9.10
C LEU B 86 11.59 -24.89 8.05
N ARG B 87 11.56 -26.17 7.69
CA ARG B 87 10.47 -26.74 6.91
C ARG B 87 9.79 -27.76 7.81
N ILE B 88 8.60 -27.42 8.28
CA ILE B 88 7.78 -28.25 9.14
C ILE B 88 6.80 -29.02 8.24
N LYS B 89 6.93 -30.34 8.16
CA LYS B 89 5.90 -31.14 7.48
C LYS B 89 4.72 -31.32 8.42
N VAL B 90 3.52 -31.12 7.89
CA VAL B 90 2.30 -31.31 8.66
C VAL B 90 1.46 -32.40 7.98
N SER B 91 0.46 -32.89 8.71
CA SER B 91 -0.34 -34.02 8.25
C SER B 91 -1.52 -33.61 7.38
N GLN B 92 -1.74 -32.31 7.16
CA GLN B 92 -2.80 -31.83 6.29
C GLN B 92 -2.18 -30.98 5.19
N SER B 93 -2.69 -31.11 3.98
CA SER B 93 -2.30 -30.16 2.94
C SER B 93 -3.23 -28.96 2.95
N ASN B 94 -2.66 -27.78 2.64
CA ASN B 94 -3.46 -26.56 2.51
C ASN B 94 -4.27 -26.65 1.21
N VAL B 95 -5.60 -26.74 1.33
CA VAL B 95 -6.44 -26.87 0.14
C VAL B 95 -6.50 -25.59 -0.66
N HIS B 96 -6.11 -24.46 -0.08
CA HIS B 96 -6.05 -23.18 -0.78
C HIS B 96 -4.64 -22.82 -1.23
N THR B 97 -3.77 -23.79 -1.42
CA THR B 97 -2.41 -23.52 -1.86
C THR B 97 -2.42 -22.92 -3.26
N PRO B 98 -1.95 -21.69 -3.46
CA PRO B 98 -1.96 -21.11 -4.80
C PRO B 98 -0.95 -21.79 -5.71
N LYS B 99 -1.18 -21.66 -7.01
CA LYS B 99 -0.13 -21.92 -7.98
C LYS B 99 1.03 -20.98 -7.68
N HIS B 100 2.23 -21.52 -7.54
CA HIS B 100 3.29 -20.71 -6.97
C HIS B 100 4.64 -21.26 -7.37
N VAL B 101 5.65 -20.39 -7.31
CA VAL B 101 7.06 -20.75 -7.39
C VAL B 101 7.80 -20.01 -6.27
N PHE B 102 9.05 -20.40 -6.07
CA PHE B 102 9.95 -19.70 -5.17
C PHE B 102 10.98 -18.94 -6.02
N LYS B 103 11.31 -17.72 -5.58
CA LYS B 103 12.16 -16.84 -6.37
C LYS B 103 13.02 -16.01 -5.42
N THR B 104 14.28 -15.82 -5.80
CA THR B 104 15.20 -15.01 -5.01
C THR B 104 15.25 -13.61 -5.63
N LEU B 105 14.99 -12.60 -4.82
CA LEU B 105 15.00 -11.22 -5.28
C LEU B 105 16.43 -10.77 -5.56
N LYS B 106 16.55 -9.76 -6.44
CA LYS B 106 17.77 -9.00 -6.69
C LYS B 106 17.54 -7.54 -6.30
N PRO B 107 18.59 -6.80 -5.93
CA PRO B 107 18.42 -5.38 -5.61
C PRO B 107 17.76 -4.63 -6.76
N GLY B 108 16.85 -3.71 -6.40
CA GLY B 108 16.01 -3.05 -7.37
C GLY B 108 14.66 -3.71 -7.63
N ASP B 109 14.50 -5.00 -7.27
CA ASP B 109 13.21 -5.67 -7.41
C ASP B 109 12.20 -5.11 -6.40
N SER B 110 10.98 -4.90 -6.86
CA SER B 110 9.87 -4.56 -5.99
C SER B 110 9.04 -5.81 -5.67
N PHE B 111 8.39 -5.79 -4.51
CA PHE B 111 7.53 -6.90 -4.14
C PHE B 111 6.56 -6.41 -3.06
N ASN B 112 5.74 -7.33 -2.55
CA ASN B 112 4.66 -7.03 -1.62
C ASN B 112 4.95 -7.73 -0.30
N ILE B 113 4.67 -7.04 0.81
CA ILE B 113 4.78 -7.61 2.14
C ILE B 113 3.39 -7.74 2.72
N LEU B 114 3.06 -8.94 3.21
CA LEU B 114 1.86 -9.17 4.02
C LEU B 114 2.32 -9.25 5.47
N ALA B 115 2.17 -8.16 6.19
CA ALA B 115 2.61 -8.11 7.58
C ALA B 115 1.63 -8.88 8.48
N CYS B 116 2.16 -9.79 9.29
CA CYS B 116 1.38 -10.75 10.04
C CYS B 116 1.79 -10.80 11.51
N TYR B 117 0.81 -11.03 12.39
CA TYR B 117 1.05 -11.16 13.84
C TYR B 117 0.23 -12.33 14.36
N GLU B 118 0.90 -13.29 14.99
CA GLU B 118 0.26 -14.49 15.51
C GLU B 118 -0.53 -15.24 14.43
N GLY B 119 0.01 -15.24 13.21
CA GLY B 119 -0.58 -15.96 12.11
C GLY B 119 -1.74 -15.25 11.42
N ILE B 120 -1.91 -13.95 11.65
CA ILE B 120 -3.05 -13.20 11.11
C ILE B 120 -2.52 -11.99 10.35
N ALA B 121 -2.82 -11.91 9.06
CA ALA B 121 -2.47 -10.73 8.29
C ALA B 121 -3.11 -9.46 8.88
N SER B 122 -2.31 -8.40 9.01
CA SER B 122 -2.83 -7.11 9.39
C SER B 122 -2.58 -5.99 8.40
N GLY B 123 -1.64 -6.14 7.46
CA GLY B 123 -1.42 -5.06 6.52
C GLY B 123 -0.64 -5.53 5.33
N VAL B 124 -0.74 -4.76 4.24
CA VAL B 124 -0.13 -5.13 2.97
C VAL B 124 0.45 -3.86 2.34
N PHE B 125 1.69 -3.94 1.89
CA PHE B 125 2.33 -2.79 1.25
C PHE B 125 3.39 -3.28 0.31
N GLY B 126 3.69 -2.47 -0.71
CA GLY B 126 4.78 -2.74 -1.62
C GLY B 126 6.08 -2.14 -1.10
N VAL B 127 7.19 -2.83 -1.36
CA VAL B 127 8.52 -2.38 -0.97
C VAL B 127 9.48 -2.67 -2.13
N ASN B 128 10.71 -2.21 -1.95
CA ASN B 128 11.78 -2.35 -2.92
C ASN B 128 13.01 -2.86 -2.22
N LEU B 129 13.60 -3.93 -2.73
CA LEU B 129 14.87 -4.41 -2.19
C LEU B 129 15.98 -3.43 -2.57
N ARG B 130 16.63 -2.85 -1.56
CA ARG B 130 17.70 -1.88 -1.75
C ARG B 130 19.04 -2.56 -2.00
N THR B 131 20.07 -1.74 -2.32
CA THR B 131 21.35 -2.33 -2.72
C THR B 131 22.07 -3.00 -1.56
N ASN B 132 21.83 -2.56 -0.32
CA ASN B 132 22.38 -3.24 0.85
C ASN B 132 21.51 -4.43 1.31
N PHE B 133 20.60 -4.87 0.44
CA PHE B 133 19.77 -6.04 0.65
C PHE B 133 18.82 -5.92 1.86
N THR B 134 18.49 -4.71 2.30
CA THR B 134 17.45 -4.50 3.29
C THR B 134 16.22 -3.88 2.62
N ILE B 135 15.12 -3.80 3.37
CA ILE B 135 13.94 -3.06 2.96
C ILE B 135 13.55 -2.10 4.06
N LYS B 136 12.74 -1.10 3.69
CA LYS B 136 12.13 -0.18 4.65
C LYS B 136 10.65 -0.55 4.78
N GLY B 137 10.31 -1.29 5.82
CA GLY B 137 8.93 -1.66 6.04
C GLY B 137 8.37 -1.10 7.33
N SER B 138 7.28 -1.67 7.81
CA SER B 138 6.67 -1.29 9.08
C SER B 138 6.34 -2.59 9.79
N PHE B 139 7.16 -2.94 10.77
CA PHE B 139 7.00 -4.17 11.53
C PHE B 139 7.18 -3.84 12.99
N ILE B 140 6.40 -4.49 13.85
CA ILE B 140 6.72 -4.47 15.26
C ILE B 140 6.80 -5.91 15.74
N ASN B 141 6.94 -6.08 17.05
CA ASN B 141 7.14 -7.39 17.66
C ASN B 141 6.06 -8.37 17.20
N GLY B 142 6.49 -9.56 16.78
CA GLY B 142 5.59 -10.58 16.29
C GLY B 142 5.55 -10.75 14.78
N ALA B 143 6.15 -9.84 14.02
CA ALA B 143 6.04 -9.82 12.57
C ALA B 143 6.94 -10.85 11.89
N CYS B 144 7.85 -11.45 12.62
CA CYS B 144 8.83 -12.32 12.00
C CYS B 144 8.15 -13.50 11.31
N GLY B 145 8.62 -13.83 10.12
CA GLY B 145 7.96 -14.80 9.29
C GLY B 145 6.91 -14.23 8.35
N SER B 146 6.64 -12.92 8.42
CA SER B 146 5.73 -12.32 7.45
C SER B 146 6.26 -12.54 6.04
N PRO B 147 5.43 -12.98 5.10
CA PRO B 147 5.91 -13.28 3.75
C PRO B 147 5.83 -12.12 2.78
N GLY B 148 6.79 -12.13 1.84
CA GLY B 148 6.78 -11.23 0.69
C GLY B 148 6.54 -12.03 -0.58
N TYR B 149 5.90 -11.38 -1.55
CA TYR B 149 5.40 -12.12 -2.70
C TYR B 149 5.26 -11.18 -3.88
N ASN B 150 5.19 -11.80 -5.05
CA ASN B 150 4.76 -11.15 -6.29
C ASN B 150 3.77 -12.07 -6.99
N VAL B 151 2.80 -11.49 -7.70
CA VAL B 151 1.85 -12.27 -8.48
C VAL B 151 2.15 -12.01 -9.96
N ARG B 152 2.41 -13.08 -10.71
CA ARG B 152 2.70 -12.93 -12.13
C ARG B 152 1.41 -12.81 -12.95
N ASN B 153 1.57 -12.48 -14.23
CA ASN B 153 0.42 -12.35 -15.11
C ASN B 153 -0.46 -13.60 -15.08
N ASP B 154 0.14 -14.78 -15.24
CA ASP B 154 -0.65 -16.03 -15.25
C ASP B 154 -1.36 -16.32 -13.92
N GLY B 155 -1.16 -15.51 -12.88
CA GLY B 155 -1.71 -15.81 -11.58
C GLY B 155 -0.80 -16.62 -10.68
N THR B 156 0.38 -16.99 -11.15
CA THR B 156 1.38 -17.65 -10.31
C THR B 156 1.89 -16.70 -9.22
N VAL B 157 1.83 -17.14 -7.96
CA VAL B 157 2.43 -16.39 -6.85
C VAL B 157 3.89 -16.75 -6.73
N GLU B 158 4.77 -15.75 -6.79
CA GLU B 158 6.19 -15.98 -6.48
C GLU B 158 6.44 -15.63 -5.02
N PHE B 159 6.83 -16.63 -4.24
CA PHE B 159 7.19 -16.41 -2.84
C PHE B 159 8.68 -16.08 -2.76
N CYS B 160 9.01 -14.91 -2.23
CA CYS B 160 10.41 -14.48 -2.30
C CYS B 160 11.00 -13.98 -0.98
N TYR B 161 10.24 -13.92 0.10
CA TYR B 161 10.78 -13.26 1.27
C TYR B 161 10.06 -13.76 2.52
N LEU B 162 10.83 -14.00 3.58
CA LEU B 162 10.28 -14.25 4.91
C LEU B 162 10.94 -13.27 5.86
N HIS B 163 10.14 -12.48 6.57
CA HIS B 163 10.72 -11.47 7.44
C HIS B 163 11.47 -12.11 8.60
N GLN B 164 12.69 -11.66 8.83
CA GLN B 164 13.56 -12.18 9.88
C GLN B 164 13.83 -11.17 10.99
N ILE B 165 14.43 -10.02 10.69
CA ILE B 165 15.02 -9.22 11.76
C ILE B 165 14.97 -7.73 11.44
N GLU B 166 14.83 -6.92 12.47
CA GLU B 166 15.05 -5.48 12.37
C GLU B 166 16.47 -5.12 12.83
N LEU B 167 17.18 -4.33 12.03
CA LEU B 167 18.54 -3.94 12.36
C LEU B 167 18.54 -2.70 13.25
N GLY B 168 19.72 -2.36 13.79
CA GLY B 168 19.83 -1.20 14.67
C GLY B 168 19.31 0.08 14.03
N SER B 169 19.55 0.25 12.73
CA SER B 169 19.11 1.42 11.98
C SER B 169 17.62 1.44 11.69
N GLY B 170 16.87 0.37 12.02
CA GLY B 170 15.47 0.27 11.63
C GLY B 170 15.24 -0.46 10.32
N ALA B 171 16.29 -0.73 9.54
CA ALA B 171 16.16 -1.45 8.28
C ALA B 171 15.80 -2.91 8.53
N HIS B 172 15.09 -3.50 7.57
CA HIS B 172 14.55 -4.83 7.74
C HIS B 172 15.24 -5.84 6.85
N VAL B 173 15.46 -7.03 7.42
CA VAL B 173 16.23 -8.11 6.82
C VAL B 173 15.36 -9.36 6.78
N GLY B 174 15.37 -10.05 5.65
CA GLY B 174 14.68 -11.32 5.54
C GLY B 174 15.51 -12.31 4.75
N SER B 175 14.93 -13.49 4.59
CA SER B 175 15.54 -14.57 3.83
C SER B 175 14.61 -14.99 2.71
N ASP B 176 15.11 -15.78 1.76
CA ASP B 176 14.21 -16.38 0.80
C ASP B 176 13.72 -17.73 1.33
N PHE B 177 12.97 -18.45 0.50
CA PHE B 177 12.37 -19.69 1.00
C PHE B 177 13.34 -20.87 0.97
N THR B 178 14.54 -20.69 0.41
CA THR B 178 15.58 -21.69 0.58
C THR B 178 16.34 -21.54 1.91
N GLY B 179 16.19 -20.42 2.63
CA GLY B 179 16.87 -20.23 3.88
C GLY B 179 18.05 -19.29 3.84
N SER B 180 18.46 -18.83 2.66
CA SER B 180 19.52 -17.83 2.58
C SER B 180 19.00 -16.47 3.05
N VAL B 181 19.72 -15.85 3.99
CA VAL B 181 19.44 -14.46 4.35
C VAL B 181 19.93 -13.55 3.24
N TYR B 182 19.04 -12.67 2.76
CA TYR B 182 19.44 -11.64 1.80
C TYR B 182 20.52 -10.77 2.42
N GLY B 183 21.63 -10.56 1.68
CA GLY B 183 22.76 -9.81 2.19
C GLY B 183 23.62 -10.53 3.23
N ASN B 184 23.26 -11.77 3.57
CA ASN B 184 24.00 -12.66 4.49
C ASN B 184 24.13 -12.09 5.89
N PHE B 185 23.19 -11.26 6.32
CA PHE B 185 23.13 -10.85 7.72
C PHE B 185 22.91 -12.07 8.63
N ASP B 186 23.30 -11.94 9.90
CA ASP B 186 23.03 -12.99 10.87
C ASP B 186 21.59 -12.92 11.33
N ASP B 187 20.94 -14.09 11.44
CA ASP B 187 19.53 -14.16 11.85
C ASP B 187 19.42 -14.26 13.36
N GLN B 188 19.99 -13.26 14.05
CA GLN B 188 19.92 -13.20 15.51
C GLN B 188 20.44 -11.87 16.02
N PRO B 189 20.20 -11.50 17.29
CA PRO B 189 20.69 -10.22 17.79
C PRO B 189 22.19 -10.12 17.67
N SER B 190 22.64 -8.94 17.26
CA SER B 190 24.04 -8.59 17.10
C SER B 190 24.05 -7.12 16.69
N LEU B 191 25.25 -6.54 16.63
CA LEU B 191 25.39 -5.12 16.37
C LEU B 191 25.67 -4.82 14.90
N GLN B 192 25.25 -5.70 14.00
CA GLN B 192 25.64 -5.56 12.60
C GLN B 192 25.04 -4.29 12.00
N VAL B 193 25.84 -3.64 11.16
CA VAL B 193 25.49 -2.39 10.51
C VAL B 193 25.58 -2.64 9.01
N GLU B 194 24.54 -2.27 8.29
CA GLU B 194 24.51 -2.52 6.85
C GLU B 194 25.29 -1.43 6.11
N SER B 195 25.86 -1.81 4.98
CA SER B 195 26.56 -0.79 4.21
C SER B 195 25.57 0.19 3.62
N ALA B 196 26.07 1.39 3.29
CA ALA B 196 25.23 2.48 2.87
C ALA B 196 24.48 2.12 1.59
N ASN B 197 23.39 2.83 1.37
CA ASN B 197 22.58 2.54 0.21
C ASN B 197 22.96 3.41 -0.98
N LEU B 198 22.85 2.84 -2.18
CA LEU B 198 23.01 3.52 -3.45
C LEU B 198 21.65 3.85 -4.06
N MET B 199 21.66 4.84 -4.95
CA MET B 199 20.46 5.17 -5.70
C MET B 199 20.33 4.21 -6.87
N LEU B 200 19.16 3.59 -7.01
CA LEU B 200 18.91 2.64 -8.09
C LEU B 200 18.58 3.43 -9.35
N SER B 201 19.58 3.57 -10.24
CA SER B 201 19.42 4.44 -11.41
C SER B 201 18.31 3.95 -12.33
N ASP B 202 18.22 2.64 -12.52
CA ASP B 202 17.15 2.07 -13.33
C ASP B 202 15.77 2.58 -12.88
N ASN B 203 15.56 2.67 -11.56
CA ASN B 203 14.29 3.16 -11.05
C ASN B 203 14.14 4.67 -11.23
N VAL B 204 15.24 5.42 -11.03
CA VAL B 204 15.17 6.87 -11.20
C VAL B 204 14.80 7.21 -12.64
N VAL B 205 15.38 6.49 -13.60
CA VAL B 205 15.02 6.68 -15.00
C VAL B 205 13.54 6.37 -15.23
N ALA B 206 13.04 5.27 -14.66
CA ALA B 206 11.61 4.97 -14.78
C ALA B 206 10.76 6.10 -14.20
N PHE B 207 11.17 6.63 -13.04
CA PHE B 207 10.44 7.72 -12.41
C PHE B 207 10.46 9.01 -13.23
N LEU B 208 11.53 9.25 -14.00
CA LEU B 208 11.56 10.44 -14.84
C LEU B 208 10.74 10.28 -16.12
N TYR B 209 10.70 9.08 -16.69
CA TYR B 209 9.75 8.79 -17.76
C TYR B 209 8.31 9.02 -17.28
N ALA B 210 7.98 8.54 -16.07
CA ALA B 210 6.64 8.73 -15.53
C ALA B 210 6.30 10.21 -15.43
N ALA B 211 7.27 11.05 -15.04
CA ALA B 211 7.01 12.48 -14.95
C ALA B 211 6.75 13.08 -16.32
N LEU B 212 7.52 12.67 -17.33
CA LEU B 212 7.30 13.15 -18.69
C LEU B 212 5.89 12.85 -19.17
N LEU B 213 5.35 11.69 -18.78
CA LEU B 213 3.99 11.28 -19.12
C LEU B 213 2.91 12.09 -18.40
N ASN B 214 3.29 12.91 -17.40
CA ASN B 214 2.36 13.78 -16.70
C ASN B 214 2.61 15.26 -17.01
N GLY B 215 3.42 15.57 -18.02
CA GLY B 215 3.70 16.95 -18.36
C GLY B 215 4.68 17.64 -17.45
N CYS B 216 5.14 16.99 -16.38
CA CYS B 216 6.20 17.55 -15.55
C CYS B 216 7.52 17.35 -16.29
N ARG B 217 8.04 18.44 -16.88
CA ARG B 217 9.26 18.32 -17.67
C ARG B 217 10.14 19.56 -17.60
N TRP B 218 9.91 20.45 -16.63
CA TRP B 218 10.80 21.58 -16.42
C TRP B 218 12.25 21.14 -16.22
N TRP B 219 12.46 19.95 -15.66
CA TRP B 219 13.77 19.44 -15.30
C TRP B 219 14.55 18.90 -16.49
N LEU B 220 13.94 18.82 -17.68
CA LEU B 220 14.54 18.08 -18.79
C LEU B 220 15.79 18.77 -19.32
N CYS B 221 16.91 18.05 -19.27
CA CYS B 221 18.13 18.48 -19.94
C CYS B 221 17.99 18.28 -21.44
N SER B 222 18.42 19.26 -22.22
CA SER B 222 18.48 19.04 -23.66
C SER B 222 19.70 18.22 -24.07
N THR B 223 20.76 18.24 -23.25
CA THR B 223 22.00 17.51 -23.50
C THR B 223 21.80 16.01 -23.24
N ARG B 224 22.86 15.24 -23.51
CA ARG B 224 22.86 13.79 -23.34
C ARG B 224 24.20 13.35 -22.74
N VAL B 225 24.16 12.27 -21.96
CA VAL B 225 25.35 11.49 -21.62
C VAL B 225 25.12 10.06 -22.06
N ASN B 226 26.19 9.40 -22.53
CA ASN B 226 26.06 7.99 -22.89
C ASN B 226 26.17 7.12 -21.65
N VAL B 227 25.87 5.82 -21.82
CA VAL B 227 25.83 4.90 -20.68
C VAL B 227 27.19 4.82 -19.98
N ASP B 228 28.28 4.73 -20.75
CA ASP B 228 29.61 4.59 -20.16
C ASP B 228 29.99 5.80 -19.32
N GLY B 229 29.72 7.01 -19.84
CA GLY B 229 29.98 8.21 -19.07
C GLY B 229 29.14 8.28 -17.80
N PHE B 230 27.85 7.97 -17.90
CA PHE B 230 27.00 8.00 -16.71
C PHE B 230 27.47 6.99 -15.66
N ASN B 231 27.78 5.77 -16.09
CA ASN B 231 28.17 4.75 -15.11
C ASN B 231 29.45 5.14 -14.40
N GLU B 232 30.41 5.72 -15.13
CA GLU B 232 31.60 6.26 -14.48
C GLU B 232 31.24 7.35 -13.48
N TRP B 233 30.28 8.21 -13.85
CA TRP B 233 29.82 9.23 -12.91
C TRP B 233 29.07 8.60 -11.73
N ALA B 234 28.34 7.51 -11.99
CA ALA B 234 27.51 6.88 -10.96
C ALA B 234 28.35 6.31 -9.83
N MET B 235 29.39 5.55 -10.18
CA MET B 235 30.39 5.06 -9.23
C MET B 235 30.81 6.11 -8.19
N ALA B 236 31.21 7.29 -8.64
CA ALA B 236 31.78 8.32 -7.78
C ALA B 236 30.72 9.20 -7.11
N ASN B 237 29.43 8.91 -7.26
CA ASN B 237 28.38 9.74 -6.66
C ASN B 237 27.29 8.93 -5.97
N GLY B 238 27.53 7.65 -5.70
CA GLY B 238 26.55 6.82 -5.00
C GLY B 238 25.30 6.45 -5.79
N TYR B 239 25.46 6.15 -7.09
CA TYR B 239 24.36 5.67 -7.91
C TYR B 239 24.75 4.33 -8.51
N THR B 240 23.77 3.46 -8.71
CA THR B 240 24.05 2.22 -9.42
C THR B 240 24.30 2.50 -10.90
N SER B 241 24.97 1.55 -11.55
CA SER B 241 25.07 1.57 -13.01
C SER B 241 23.70 1.39 -13.65
N VAL B 242 23.45 2.17 -14.70
CA VAL B 242 22.22 2.03 -15.49
C VAL B 242 22.38 0.81 -16.40
N SER B 243 21.29 0.06 -16.58
CA SER B 243 21.36 -1.22 -17.28
C SER B 243 21.67 -1.03 -18.76
N SER B 244 20.66 -1.16 -19.59
CA SER B 244 20.71 -0.89 -21.02
C SER B 244 19.70 0.19 -21.34
N VAL B 245 19.62 0.56 -22.62
CA VAL B 245 18.55 1.42 -23.11
C VAL B 245 17.42 0.65 -23.78
N GLU B 246 17.53 -0.69 -23.86
CA GLU B 246 16.49 -1.49 -24.50
C GLU B 246 15.17 -1.36 -23.77
N CYS B 247 15.18 -1.73 -22.48
CA CYS B 247 13.94 -1.94 -21.74
C CYS B 247 12.97 -0.75 -21.88
N TYR B 248 13.52 0.46 -21.93
CA TYR B 248 12.77 1.70 -21.96
C TYR B 248 12.19 2.04 -23.32
N SER B 249 12.14 1.06 -24.23
CA SER B 249 11.58 1.29 -25.56
C SER B 249 10.16 1.84 -25.49
N ILE B 250 9.32 1.21 -24.65
CA ILE B 250 7.92 1.63 -24.54
C ILE B 250 7.82 3.09 -24.10
N LEU B 251 8.72 3.52 -23.22
CA LEU B 251 8.70 4.87 -22.66
C LEU B 251 9.42 5.86 -23.56
N ALA B 252 10.59 5.47 -24.10
CA ALA B 252 11.27 6.33 -25.06
C ALA B 252 10.43 6.60 -26.29
N ALA B 253 9.63 5.60 -26.72
CA ALA B 253 8.79 5.76 -27.90
C ALA B 253 7.65 6.75 -27.65
N LYS B 254 6.94 6.62 -26.53
CA LYS B 254 5.81 7.50 -26.24
C LYS B 254 6.24 8.90 -25.82
N THR B 255 7.45 9.05 -25.28
CA THR B 255 7.92 10.35 -24.83
C THR B 255 8.75 11.07 -25.88
N GLY B 256 9.38 10.32 -26.79
CA GLY B 256 10.37 10.92 -27.65
C GLY B 256 11.58 11.45 -26.90
N VAL B 257 11.90 10.86 -25.75
CA VAL B 257 13.04 11.27 -24.93
C VAL B 257 13.89 10.03 -24.69
N SER B 258 15.14 10.05 -25.16
CA SER B 258 16.04 8.92 -24.95
C SER B 258 16.50 8.86 -23.49
N VAL B 259 16.99 7.69 -23.10
CA VAL B 259 17.50 7.51 -21.74
C VAL B 259 18.72 8.39 -21.49
N GLU B 260 19.50 8.66 -22.55
CA GLU B 260 20.69 9.49 -22.42
C GLU B 260 20.37 10.91 -21.98
N GLN B 261 19.22 11.44 -22.39
CA GLN B 261 18.80 12.75 -21.89
C GLN B 261 18.44 12.67 -20.42
N LEU B 262 17.81 11.56 -19.99
CA LEU B 262 17.45 11.40 -18.59
C LEU B 262 18.69 11.23 -17.72
N LEU B 263 19.66 10.44 -18.18
CA LEU B 263 20.92 10.30 -17.45
C LEU B 263 21.58 11.66 -17.25
N ALA B 264 21.56 12.51 -18.28
CA ALA B 264 22.06 13.87 -18.13
C ALA B 264 21.23 14.65 -17.13
N SER B 265 19.91 14.50 -17.18
CA SER B 265 19.06 15.19 -16.22
C SER B 265 19.34 14.74 -14.79
N ILE B 266 19.70 13.47 -14.59
CA ILE B 266 20.02 12.98 -13.25
C ILE B 266 21.28 13.65 -12.72
N GLN B 267 22.31 13.81 -13.57
CA GLN B 267 23.52 14.50 -13.14
C GLN B 267 23.20 15.94 -12.72
N HIS B 268 22.38 16.64 -13.51
CA HIS B 268 22.00 18.00 -13.17
C HIS B 268 21.17 18.05 -11.88
N LEU B 269 20.14 17.20 -11.78
CA LEU B 269 19.28 17.18 -10.61
C LEU B 269 19.91 16.48 -9.41
N HIS B 270 21.13 15.95 -9.58
CA HIS B 270 21.79 15.15 -8.55
C HIS B 270 21.74 15.83 -7.18
N GLU B 271 22.13 17.11 -7.13
CA GLU B 271 21.93 17.95 -5.96
C GLU B 271 20.89 19.02 -6.30
N GLY B 272 19.86 19.13 -5.46
CA GLY B 272 18.93 20.24 -5.50
C GLY B 272 17.94 20.29 -6.65
N PHE B 273 16.66 20.41 -6.32
CA PHE B 273 15.61 20.74 -7.28
C PHE B 273 15.33 22.23 -7.34
N GLY B 274 16.09 23.05 -6.59
CA GLY B 274 15.87 24.48 -6.57
C GLY B 274 14.62 24.90 -5.83
N GLY B 275 14.24 24.17 -4.78
CA GLY B 275 12.95 24.32 -4.16
C GLY B 275 11.81 23.70 -4.93
N LYS B 276 11.99 23.47 -6.23
CA LYS B 276 10.94 22.96 -7.10
C LYS B 276 10.63 21.50 -6.75
N ASN B 277 9.82 20.85 -7.58
CA ASN B 277 9.19 19.59 -7.25
C ASN B 277 8.95 18.79 -8.53
N ILE B 278 9.05 17.47 -8.42
CA ILE B 278 8.72 16.53 -9.51
C ILE B 278 7.78 15.47 -8.95
N LEU B 279 6.50 15.53 -9.34
CA LEU B 279 5.50 14.51 -8.98
C LEU B 279 5.39 14.33 -7.46
N GLY B 280 5.45 15.42 -6.71
CA GLY B 280 5.35 15.33 -5.26
C GLY B 280 6.63 15.02 -4.52
N TYR B 281 7.79 15.09 -5.19
CA TYR B 281 9.06 14.85 -4.54
C TYR B 281 9.97 16.07 -4.73
N SER B 282 10.84 16.29 -3.74
CA SER B 282 11.82 17.36 -3.81
C SER B 282 13.22 16.85 -4.09
N SER B 283 13.40 15.53 -4.21
CA SER B 283 14.63 14.94 -4.73
C SER B 283 14.26 13.68 -5.50
N LEU B 284 15.23 13.15 -6.26
CA LEU B 284 14.94 12.03 -7.14
C LEU B 284 14.49 10.81 -6.34
N CYS B 285 13.71 9.93 -6.99
CA CYS B 285 13.02 8.83 -6.33
C CYS B 285 13.36 7.53 -7.03
N ASP B 286 13.89 6.56 -6.29
CA ASP B 286 14.23 5.25 -6.85
C ASP B 286 13.31 4.15 -6.31
N GLU B 287 12.09 4.52 -5.94
CA GLU B 287 11.15 3.57 -5.37
C GLU B 287 10.27 2.85 -6.38
N PHE B 288 10.24 3.27 -7.64
CA PHE B 288 9.36 2.68 -8.64
C PHE B 288 10.19 2.10 -9.78
N THR B 289 9.98 0.82 -10.07
CA THR B 289 10.62 0.14 -11.18
C THR B 289 9.93 0.48 -12.50
N LEU B 290 10.58 0.06 -13.59
CA LEU B 290 10.05 0.26 -14.93
C LEU B 290 8.70 -0.43 -15.11
N ALA B 291 8.57 -1.64 -14.56
CA ALA B 291 7.34 -2.41 -14.71
C ALA B 291 6.18 -1.77 -13.96
N GLU B 292 6.44 -1.20 -12.77
CA GLU B 292 5.38 -0.53 -12.03
C GLU B 292 4.86 0.69 -12.78
N VAL B 293 5.77 1.49 -13.35
CA VAL B 293 5.37 2.70 -14.09
C VAL B 293 4.50 2.34 -15.29
N VAL B 294 4.86 1.26 -16.00
CA VAL B 294 4.10 0.84 -17.17
C VAL B 294 2.71 0.35 -16.76
N LYS B 295 2.63 -0.45 -15.70
CA LYS B 295 1.33 -0.98 -15.27
C LYS B 295 0.39 0.13 -14.78
N GLN B 296 0.93 1.16 -14.13
CA GLN B 296 0.07 2.20 -13.56
C GLN B 296 -0.35 3.23 -14.60
N MET B 297 0.47 3.47 -15.62
CA MET B 297 0.08 4.42 -16.66
C MET B 297 -0.72 3.76 -17.78
N TYR B 298 -0.54 2.45 -18.00
CA TYR B 298 -1.06 1.77 -19.20
C TYR B 298 -1.77 0.44 -18.93
N GLY B 299 -1.70 -0.11 -17.73
CA GLY B 299 -2.34 -1.39 -17.44
C GLY B 299 -1.66 -2.61 -18.04
N VAL B 300 -0.41 -2.49 -18.45
CA VAL B 300 0.29 -3.59 -19.11
C VAL B 300 1.44 -4.09 -18.23
C10 FNO C . 15.35 -12.29 17.15
C13 FNO C . 12.59 -12.61 17.08
C15 FNO C . 15.58 -13.27 14.89
C17 FNO C . 16.96 -13.18 22.41
C20 FNO C . 16.30 -14.53 22.10
C21 FNO C . 16.79 -12.81 23.89
C06 FNO C . 15.19 -11.29 19.45
C07 FNO C . 14.55 -11.89 18.21
C08 FNO C . 15.75 -12.48 20.25
C09 FNO C . 14.76 -12.86 15.99
C11 FNO C . 13.43 -13.01 15.97
C12 FNO C . 13.17 -12.04 18.20
C14 FNO C . 16.46 -12.04 21.52
C16 FNO C . 12.88 -13.59 14.83
C18 FNO C . 15.04 -13.84 13.75
C19 FNO C . 13.66 -14.00 13.73
O01 FNO C . 16.20 -10.40 19.04
O02 FNO C . 16.74 -12.13 17.13
O03 FNO C . 16.96 -13.08 14.99
O04 FNO C . 11.21 -12.77 17.07
O05 FNO C . 11.50 -13.72 14.91
#